data_9NT5
#
_entry.id   9NT5
#
_cell.length_a   104.821
_cell.length_b   104.821
_cell.length_c   50.126
_cell.angle_alpha   90.00
_cell.angle_beta   90.00
_cell.angle_gamma   120.00
#
_symmetry.space_group_name_H-M   'P 31 2 1'
#
loop_
_entity.id
_entity.type
_entity.pdbx_description
1 polymer 'LacI Transcription Factor'
2 non-polymer GLYCEROL
3 water water
#
_entity_poly.entity_id   1
_entity_poly.type   'polypeptide(L)'
_entity_poly.pdbx_seq_one_letter_code
;MRRSHTIGVVTTGLSFYGPSQILVGIERAAREHGYSLLLATVHEDPDEVEEAINTLRERRVDGIIIVAPHNSEEEAQLAQ
EAGVPPVVFLSAQPPGVPTVSVDQYAGARLATEHLLDLGHRRIALITGPQDWLEARERLQGWREALAEAGLPPPAVLQGD
WSAASGYEAARQLLEQPDFTAIFAANDQMALGVLRALHERGLRVPDDVSVVGFDDIPESAYFHPPLTTVRQDFEELGRQA
VEQLLEMIEGEEPPPPAVLPPELIVRESTAPPENLYFQGL
;
_entity_poly.pdbx_strand_id   A
#
# COMPACT_ATOMS: atom_id res chain seq x y z
N HIS A 5 29.05 6.95 5.07
CA HIS A 5 28.87 8.34 5.47
C HIS A 5 27.46 8.85 5.21
N THR A 6 27.12 8.99 3.93
CA THR A 6 25.84 9.56 3.52
C THR A 6 25.04 8.54 2.73
N ILE A 7 23.71 8.69 2.77
CA ILE A 7 22.80 7.82 2.03
C ILE A 7 21.85 8.71 1.22
N GLY A 8 21.74 8.43 -0.07
CA GLY A 8 20.83 9.16 -0.93
C GLY A 8 19.45 8.54 -0.94
N VAL A 9 18.45 9.40 -1.14
CA VAL A 9 17.05 8.97 -1.25
C VAL A 9 16.41 9.71 -2.42
N VAL A 10 15.75 8.96 -3.29
CA VAL A 10 14.91 9.53 -4.34
C VAL A 10 13.46 9.19 -4.01
N THR A 11 12.56 10.14 -4.23
CA THR A 11 11.17 9.98 -3.82
C THR A 11 10.30 10.91 -4.66
N THR A 12 9.00 10.89 -4.38
CA THR A 12 8.03 11.75 -5.04
C THR A 12 7.27 12.55 -4.01
N GLY A 13 7.07 13.84 -4.29
CA GLY A 13 6.34 14.70 -3.40
C GLY A 13 4.84 14.69 -3.63
N LEU A 14 4.23 13.52 -3.46
CA LEU A 14 2.81 13.34 -3.68
C LEU A 14 2.05 13.32 -2.36
N SER A 15 0.74 13.50 -2.46
CA SER A 15 -0.13 13.54 -1.29
C SER A 15 -0.66 12.16 -0.90
N PHE A 16 -0.34 11.11 -1.66
CA PHE A 16 -0.77 9.77 -1.30
C PHE A 16 -0.01 9.28 -0.07
N TYR A 17 -0.71 8.51 0.76
CA TYR A 17 -0.15 8.01 2.01
C TYR A 17 0.95 7.00 1.70
N GLY A 18 2.05 7.07 2.46
CA GLY A 18 3.12 6.11 2.31
C GLY A 18 4.52 6.72 2.27
N PRO A 19 4.82 7.44 1.18
CA PRO A 19 6.19 7.95 1.00
C PRO A 19 6.74 8.75 2.17
N SER A 20 5.99 9.74 2.67
CA SER A 20 6.49 10.56 3.77
C SER A 20 6.68 9.74 5.04
N GLN A 21 5.86 8.70 5.23
CA GLN A 21 6.00 7.82 6.38
C GLN A 21 7.12 6.81 6.20
N ILE A 22 7.41 6.39 4.96
CA ILE A 22 8.62 5.62 4.70
C ILE A 22 9.85 6.43 5.04
N LEU A 23 9.87 7.70 4.64
CA LEU A 23 11.01 8.57 4.87
C LEU A 23 11.31 8.72 6.35
N VAL A 24 10.28 8.71 7.20
CA VAL A 24 10.50 8.76 8.64
C VAL A 24 11.30 7.54 9.10
N GLY A 25 10.99 6.37 8.55
CA GLY A 25 11.74 5.18 8.87
C GLY A 25 13.16 5.20 8.33
N ILE A 26 13.36 5.82 7.17
CA ILE A 26 14.69 5.95 6.61
C ILE A 26 15.52 6.92 7.45
N GLU A 27 14.93 8.05 7.84
CA GLU A 27 15.62 9.01 8.70
C GLU A 27 16.01 8.38 10.03
N ARG A 28 15.12 7.58 10.59
CA ARG A 28 15.35 7.02 11.93
C ARG A 28 16.42 5.94 11.91
N ALA A 29 16.44 5.13 10.85
CA ALA A 29 17.42 4.04 10.78
C ALA A 29 18.78 4.53 10.32
N ALA A 30 18.81 5.49 9.39
CA ALA A 30 20.10 6.00 8.92
C ALA A 30 20.80 6.80 10.01
N ARG A 31 20.04 7.56 10.81
CA ARG A 31 20.64 8.31 11.90
C ARG A 31 21.17 7.39 13.00
N GLU A 32 20.53 6.23 13.19
CA GLU A 32 20.99 5.30 14.22
C GLU A 32 22.30 4.63 13.83
N HIS A 33 22.53 4.42 12.53
CA HIS A 33 23.77 3.84 12.05
C HIS A 33 24.80 4.90 11.65
N GLY A 34 24.60 6.15 12.05
CA GLY A 34 25.57 7.20 11.81
C GLY A 34 25.55 7.81 10.43
N TYR A 35 24.51 7.56 9.64
CA TYR A 35 24.40 8.09 8.29
C TYR A 35 23.50 9.31 8.25
N SER A 36 23.75 10.17 7.28
CA SER A 36 22.88 11.29 6.96
C SER A 36 22.23 11.06 5.61
N LEU A 37 21.08 11.70 5.40
CA LEU A 37 20.29 11.49 4.19
C LEU A 37 20.52 12.61 3.20
N LEU A 38 20.62 12.25 1.93
CA LEU A 38 20.69 13.19 0.82
C LEU A 38 19.44 13.00 -0.02
N LEU A 39 18.47 13.90 0.15
CA LEU A 39 17.16 13.76 -0.46
C LEU A 39 17.12 14.48 -1.80
N ALA A 40 16.59 13.79 -2.81
CA ALA A 40 16.41 14.38 -4.14
C ALA A 40 15.07 13.88 -4.68
N THR A 41 14.03 14.69 -4.53
CA THR A 41 12.71 14.32 -5.00
C THR A 41 12.60 14.57 -6.50
N VAL A 42 11.85 13.69 -7.18
CA VAL A 42 11.72 13.70 -8.62
C VAL A 42 10.25 13.60 -8.99
N HIS A 43 9.98 13.52 -10.29
CA HIS A 43 8.65 13.27 -10.81
C HIS A 43 8.50 11.78 -11.09
N GLU A 44 7.43 11.42 -11.79
CA GLU A 44 7.16 10.02 -12.12
C GLU A 44 7.64 9.71 -13.54
N ASP A 45 8.94 9.86 -13.75
CA ASP A 45 9.55 9.66 -15.05
C ASP A 45 10.83 8.84 -14.93
N PRO A 46 11.04 7.87 -15.83
CA PRO A 46 12.26 7.06 -15.74
C PRO A 46 13.53 7.85 -16.03
N ASP A 47 13.46 8.88 -16.89
CA ASP A 47 14.65 9.67 -17.17
C ASP A 47 15.06 10.51 -15.97
N GLU A 48 14.08 11.04 -15.22
CA GLU A 48 14.42 11.79 -14.01
C GLU A 48 14.92 10.87 -12.91
N VAL A 49 14.48 9.61 -12.93
CA VAL A 49 14.98 8.64 -11.95
C VAL A 49 16.45 8.34 -12.18
N GLU A 50 16.84 8.17 -13.45
CA GLU A 50 18.22 7.84 -13.77
C GLU A 50 19.16 8.99 -13.45
N GLU A 51 18.82 10.20 -13.89
CA GLU A 51 19.70 11.34 -13.69
C GLU A 51 19.60 11.93 -12.29
N ALA A 52 18.67 11.45 -11.47
CA ALA A 52 18.76 11.72 -10.03
C ALA A 52 19.85 10.85 -9.41
N ILE A 53 19.99 9.61 -9.90
CA ILE A 53 21.05 8.73 -9.43
C ILE A 53 22.42 9.26 -9.84
N ASN A 54 22.51 9.87 -11.02
CA ASN A 54 23.78 10.45 -11.46
C ASN A 54 24.16 11.65 -10.60
N THR A 55 23.19 12.54 -10.33
CA THR A 55 23.47 13.73 -9.55
C THR A 55 23.64 13.45 -8.05
N LEU A 56 23.14 12.31 -7.57
CA LEU A 56 23.40 11.89 -6.19
C LEU A 56 24.68 11.08 -6.06
N ARG A 57 25.13 10.44 -7.14
CA ARG A 57 26.48 9.89 -7.17
C ARG A 57 27.53 10.99 -7.19
N GLU A 58 27.14 12.21 -7.54
CA GLU A 58 28.05 13.34 -7.54
C GLU A 58 28.57 13.64 -6.14
N ARG A 59 27.67 13.70 -5.16
CA ARG A 59 28.08 13.78 -3.76
C ARG A 59 28.44 12.39 -3.26
N ARG A 60 29.29 12.35 -2.22
CA ARG A 60 29.86 11.10 -1.72
C ARG A 60 28.77 10.30 -0.99
N VAL A 61 27.91 9.68 -1.78
CA VAL A 61 26.82 8.87 -1.26
C VAL A 61 27.25 7.41 -1.27
N ASP A 62 27.13 6.75 -0.11
CA ASP A 62 27.55 5.36 0.03
C ASP A 62 26.49 4.36 -0.42
N GLY A 63 25.24 4.82 -0.62
CA GLY A 63 24.16 3.96 -1.03
C GLY A 63 22.88 4.74 -1.16
N ILE A 64 21.96 4.31 -2.04
CA ILE A 64 20.78 5.09 -2.37
C ILE A 64 19.56 4.19 -2.35
N ILE A 65 18.48 4.67 -1.70
CA ILE A 65 17.19 3.99 -1.66
C ILE A 65 16.26 4.66 -2.66
N ILE A 66 15.47 3.86 -3.37
CA ILE A 66 14.51 4.36 -4.35
C ILE A 66 13.11 4.17 -3.79
N VAL A 67 12.45 5.27 -3.45
CA VAL A 67 11.07 5.23 -2.98
C VAL A 67 10.07 5.59 -4.07
N ALA A 68 10.51 6.25 -5.14
CA ALA A 68 9.61 6.53 -6.26
C ALA A 68 9.27 5.24 -6.98
N PRO A 69 8.00 4.96 -7.26
CA PRO A 69 7.65 3.69 -7.88
C PRO A 69 8.11 3.61 -9.33
N HIS A 70 8.48 2.39 -9.74
CA HIS A 70 8.98 2.16 -11.08
C HIS A 70 7.98 1.27 -11.81
N ASN A 71 8.10 -0.05 -11.72
CA ASN A 71 7.29 -1.00 -12.48
C ASN A 71 7.63 -2.40 -12.01
N SER A 72 7.05 -3.40 -12.69
CA SER A 72 7.59 -4.74 -12.70
C SER A 72 8.56 -4.95 -13.85
N GLU A 73 9.10 -3.85 -14.39
CA GLU A 73 10.03 -3.86 -15.51
C GLU A 73 11.19 -2.93 -15.23
N GLU A 74 11.73 -2.98 -14.00
CA GLU A 74 12.83 -2.11 -13.63
C GLU A 74 14.12 -2.53 -14.32
N GLU A 75 14.32 -3.85 -14.49
CA GLU A 75 15.54 -4.33 -15.12
C GLU A 75 15.54 -4.05 -16.62
N ALA A 76 14.39 -4.20 -17.27
CA ALA A 76 14.28 -3.97 -18.72
C ALA A 76 13.99 -2.51 -19.03
N GLN A 77 14.74 -1.61 -18.38
CA GLN A 77 14.67 -0.18 -18.68
C GLN A 77 16.03 0.49 -18.60
N LEU A 78 17.12 -0.29 -18.57
CA LEU A 78 18.46 0.23 -18.29
C LEU A 78 18.49 1.00 -16.97
N ALA A 79 17.72 0.52 -16.00
CA ALA A 79 17.67 1.08 -14.66
C ALA A 79 18.36 0.21 -13.62
N GLN A 80 18.11 -1.10 -13.65
CA GLN A 80 18.82 -2.03 -12.78
C GLN A 80 20.11 -2.54 -13.43
N GLU A 81 20.09 -2.74 -14.75
CA GLU A 81 21.28 -3.18 -15.46
C GLU A 81 22.37 -2.11 -15.41
N ALA A 82 21.98 -0.83 -15.47
CA ALA A 82 22.95 0.25 -15.40
C ALA A 82 23.35 0.59 -13.98
N GLY A 83 22.48 0.31 -13.01
CA GLY A 83 22.78 0.60 -11.62
C GLY A 83 23.44 -0.54 -10.89
N VAL A 84 24.77 -0.52 -10.82
CA VAL A 84 25.53 -1.56 -10.12
C VAL A 84 25.97 -1.10 -8.72
N PRO A 85 26.23 0.18 -8.45
CA PRO A 85 26.46 0.58 -7.05
C PRO A 85 25.20 0.36 -6.22
N PRO A 86 25.35 0.24 -4.88
CA PRO A 86 24.25 -0.29 -4.06
C PRO A 86 22.95 0.50 -4.15
N VAL A 87 21.92 -0.13 -4.71
CA VAL A 87 20.58 0.43 -4.82
C VAL A 87 19.59 -0.60 -4.30
N VAL A 88 18.64 -0.14 -3.48
CA VAL A 88 17.50 -0.95 -3.07
C VAL A 88 16.24 -0.31 -3.63
N PHE A 89 15.30 -1.15 -4.06
CA PHE A 89 14.05 -0.69 -4.67
C PHE A 89 12.91 -0.92 -3.70
N LEU A 90 12.11 0.13 -3.47
CA LEU A 90 10.85 -0.01 -2.75
C LEU A 90 9.70 -0.23 -3.73
N SER A 91 9.89 -1.20 -4.61
CA SER A 91 8.90 -1.60 -5.61
C SER A 91 8.95 -3.11 -5.75
N ALA A 92 8.05 -3.66 -6.56
CA ALA A 92 7.89 -5.10 -6.69
C ALA A 92 8.37 -5.55 -8.07
N GLN A 93 9.67 -5.85 -8.15
CA GLN A 93 10.24 -6.54 -9.31
C GLN A 93 11.51 -7.22 -8.85
N PRO A 94 11.42 -8.48 -8.40
CA PRO A 94 12.61 -9.19 -7.96
C PRO A 94 12.92 -10.38 -8.84
N PRO A 95 13.53 -10.16 -10.00
CA PRO A 95 14.21 -11.26 -10.70
C PRO A 95 15.68 -11.41 -10.33
N GLY A 96 16.10 -10.76 -9.25
CA GLY A 96 17.49 -10.68 -8.86
C GLY A 96 17.75 -9.33 -8.22
N VAL A 97 16.73 -8.48 -8.22
CA VAL A 97 16.82 -7.13 -7.65
C VAL A 97 16.49 -7.23 -6.17
N PRO A 98 17.37 -6.78 -5.28
CA PRO A 98 17.01 -6.70 -3.84
C PRO A 98 15.94 -5.65 -3.63
N THR A 99 14.77 -6.09 -3.17
CA THR A 99 13.65 -5.19 -2.90
C THR A 99 13.12 -5.43 -1.50
N VAL A 100 12.31 -4.48 -1.05
CA VAL A 100 11.53 -4.61 0.18
C VAL A 100 10.16 -3.98 -0.07
N SER A 101 9.11 -4.66 0.39
CA SER A 101 7.76 -4.22 0.08
C SER A 101 6.79 -4.85 1.07
N VAL A 102 5.57 -4.31 1.08
CA VAL A 102 4.47 -4.86 1.86
C VAL A 102 3.72 -5.85 0.98
N ASP A 103 3.27 -6.95 1.59
CA ASP A 103 2.56 -8.00 0.85
C ASP A 103 1.11 -7.55 0.68
N GLN A 104 0.82 -6.96 -0.49
CA GLN A 104 -0.50 -6.36 -0.73
C GLN A 104 -1.57 -7.43 -0.88
N TYR A 105 -1.25 -8.52 -1.57
CA TYR A 105 -2.18 -9.64 -1.72
C TYR A 105 -2.57 -10.19 -0.35
N ALA A 106 -1.58 -10.48 0.48
CA ALA A 106 -1.86 -11.03 1.81
C ALA A 106 -2.73 -10.08 2.63
N GLY A 107 -2.48 -8.77 2.50
CA GLY A 107 -3.30 -7.81 3.23
C GLY A 107 -4.75 -7.84 2.80
N ALA A 108 -4.99 -7.87 1.49
CA ALA A 108 -6.36 -7.95 1.01
C ALA A 108 -7.02 -9.26 1.44
N ARG A 109 -6.25 -10.35 1.53
CA ARG A 109 -6.81 -11.61 2.02
C ARG A 109 -7.22 -11.46 3.48
N LEU A 110 -6.38 -10.81 4.29
CA LEU A 110 -6.73 -10.59 5.70
C LEU A 110 -8.05 -9.85 5.82
N ALA A 111 -8.21 -8.79 5.03
CA ALA A 111 -9.42 -7.97 5.10
C ALA A 111 -10.65 -8.76 4.68
N THR A 112 -10.54 -9.49 3.57
CA THR A 112 -11.67 -10.21 3.03
C THR A 112 -12.02 -11.41 3.90
N GLU A 113 -11.00 -12.15 4.36
CA GLU A 113 -11.25 -13.29 5.25
C GLU A 113 -11.83 -12.86 6.58
N HIS A 114 -11.45 -11.68 7.09
CA HIS A 114 -12.09 -11.15 8.29
C HIS A 114 -13.61 -11.09 8.10
N LEU A 115 -14.05 -10.58 6.95
CA LEU A 115 -15.47 -10.44 6.68
C LEU A 115 -16.12 -11.78 6.40
N LEU A 116 -15.42 -12.67 5.67
CA LEU A 116 -15.94 -14.01 5.45
C LEU A 116 -16.11 -14.76 6.77
N ASP A 117 -15.16 -14.62 7.68
CA ASP A 117 -15.26 -15.33 8.94
C ASP A 117 -16.39 -14.80 9.81
N LEU A 118 -16.84 -13.57 9.58
CA LEU A 118 -18.00 -13.03 10.27
C LEU A 118 -19.32 -13.52 9.67
N GLY A 119 -19.28 -14.15 8.50
CA GLY A 119 -20.46 -14.67 7.85
C GLY A 119 -20.86 -13.97 6.56
N HIS A 120 -20.12 -12.95 6.14
CA HIS A 120 -20.50 -12.20 4.94
C HIS A 120 -20.18 -13.00 3.68
N ARG A 121 -21.16 -13.04 2.76
CA ARG A 121 -21.03 -13.55 1.39
C ARG A 121 -20.86 -12.43 0.38
N ARG A 122 -21.72 -11.42 0.45
CA ARG A 122 -21.79 -10.36 -0.55
C ARG A 122 -20.90 -9.22 -0.08
N ILE A 123 -19.59 -9.38 -0.32
CA ILE A 123 -18.57 -8.42 0.07
C ILE A 123 -18.20 -7.66 -1.20
N ALA A 124 -18.73 -6.46 -1.37
CA ALA A 124 -18.36 -5.63 -2.51
C ALA A 124 -16.98 -5.03 -2.30
N LEU A 125 -16.33 -4.69 -3.42
CA LEU A 125 -14.99 -4.11 -3.40
C LEU A 125 -15.02 -2.74 -4.06
N ILE A 126 -14.46 -1.73 -3.38
CA ILE A 126 -14.10 -0.47 -4.00
C ILE A 126 -12.61 -0.54 -4.26
N THR A 127 -12.23 -0.85 -5.49
CA THR A 127 -10.86 -1.17 -5.80
C THR A 127 -10.09 0.09 -6.19
N GLY A 128 -8.76 0.01 -6.08
CA GLY A 128 -7.91 1.14 -6.36
C GLY A 128 -7.69 1.34 -7.85
N PRO A 129 -6.95 2.41 -8.17
CA PRO A 129 -6.73 2.75 -9.58
C PRO A 129 -5.87 1.71 -10.30
N GLN A 130 -6.25 1.46 -11.55
CA GLN A 130 -5.73 0.32 -12.30
C GLN A 130 -4.21 0.39 -12.50
N ASP A 131 -3.64 1.58 -12.58
CA ASP A 131 -2.23 1.69 -12.90
C ASP A 131 -1.33 1.53 -11.68
N TRP A 132 -1.89 1.16 -10.53
CA TRP A 132 -1.11 0.88 -9.34
C TRP A 132 -1.09 -0.64 -9.14
N LEU A 133 0.11 -1.23 -9.12
CA LEU A 133 0.23 -2.65 -8.83
C LEU A 133 -0.42 -3.00 -7.51
N GLU A 134 -0.24 -2.15 -6.49
CA GLU A 134 -0.86 -2.41 -5.19
C GLU A 134 -2.36 -2.59 -5.33
N ALA A 135 -3.00 -1.76 -6.15
CA ALA A 135 -4.44 -1.88 -6.34
C ALA A 135 -4.80 -3.21 -6.99
N ARG A 136 -4.05 -3.59 -8.03
CA ARG A 136 -4.36 -4.84 -8.73
C ARG A 136 -4.16 -6.05 -7.82
N GLU A 137 -3.13 -6.01 -6.98
CA GLU A 137 -2.87 -7.13 -6.07
C GLU A 137 -3.92 -7.22 -4.99
N ARG A 138 -4.44 -6.08 -4.52
CA ARG A 138 -5.50 -6.14 -3.52
C ARG A 138 -6.78 -6.70 -4.11
N LEU A 139 -7.10 -6.37 -5.37
CA LEU A 139 -8.27 -7.00 -5.98
C LEU A 139 -8.08 -8.50 -6.09
N GLN A 140 -6.87 -8.94 -6.45
N GLN A 140 -6.87 -8.95 -6.46
CA GLN A 140 -6.63 -10.37 -6.58
CA GLN A 140 -6.61 -10.37 -6.58
C GLN A 140 -6.78 -11.09 -5.24
C GLN A 140 -6.81 -11.07 -5.24
N GLY A 141 -6.33 -10.47 -4.16
CA GLY A 141 -6.51 -11.08 -2.84
C GLY A 141 -7.97 -11.20 -2.45
N TRP A 142 -8.76 -10.16 -2.74
CA TRP A 142 -10.19 -10.20 -2.44
C TRP A 142 -10.88 -11.28 -3.28
N ARG A 143 -10.59 -11.32 -4.57
CA ARG A 143 -11.20 -12.30 -5.46
C ARG A 143 -10.87 -13.72 -5.05
N GLU A 144 -9.61 -13.98 -4.70
CA GLU A 144 -9.22 -15.35 -4.39
C GLU A 144 -9.67 -15.79 -3.00
N ALA A 145 -9.72 -14.88 -2.03
CA ALA A 145 -10.33 -15.22 -0.74
C ALA A 145 -11.78 -15.65 -0.93
N LEU A 146 -12.52 -14.93 -1.77
CA LEU A 146 -13.91 -15.30 -2.03
C LEU A 146 -14.00 -16.63 -2.75
N ALA A 147 -13.15 -16.82 -3.76
CA ALA A 147 -13.14 -18.07 -4.52
C ALA A 147 -12.84 -19.27 -3.62
N GLU A 148 -11.92 -19.11 -2.67
CA GLU A 148 -11.58 -20.23 -1.79
C GLU A 148 -12.65 -20.49 -0.74
N ALA A 149 -13.62 -19.59 -0.58
CA ALA A 149 -14.81 -19.85 0.22
C ALA A 149 -15.96 -20.39 -0.63
N GLY A 150 -15.72 -20.61 -1.93
CA GLY A 150 -16.75 -21.12 -2.81
C GLY A 150 -17.63 -20.05 -3.42
N LEU A 151 -17.22 -18.78 -3.37
CA LEU A 151 -18.12 -17.69 -3.73
C LEU A 151 -17.67 -16.96 -4.98
N PRO A 152 -18.61 -16.49 -5.79
CA PRO A 152 -18.26 -15.66 -6.94
C PRO A 152 -17.98 -14.23 -6.50
N PRO A 153 -17.26 -13.46 -7.30
CA PRO A 153 -16.98 -12.07 -6.93
C PRO A 153 -18.25 -11.23 -6.97
N PRO A 154 -18.57 -10.53 -5.89
CA PRO A 154 -19.67 -9.57 -5.94
C PRO A 154 -19.29 -8.33 -6.76
N ALA A 155 -20.06 -7.26 -6.57
CA ALA A 155 -19.82 -6.05 -7.35
C ALA A 155 -18.47 -5.44 -7.02
N VAL A 156 -17.80 -4.91 -8.04
CA VAL A 156 -16.57 -4.14 -7.90
C VAL A 156 -16.76 -2.81 -8.61
N LEU A 157 -16.29 -1.73 -7.99
CA LEU A 157 -16.22 -0.44 -8.64
C LEU A 157 -14.86 0.18 -8.31
N GLN A 158 -14.27 0.85 -9.29
CA GLN A 158 -12.90 1.33 -9.15
C GLN A 158 -12.88 2.80 -8.79
N GLY A 159 -12.13 3.15 -7.74
CA GLY A 159 -11.90 4.53 -7.36
C GLY A 159 -10.51 4.99 -7.76
N ASP A 160 -10.05 6.09 -7.10
CA ASP A 160 -8.74 6.63 -7.45
C ASP A 160 -7.90 6.98 -6.23
N TRP A 161 -8.17 6.35 -5.09
CA TRP A 161 -7.61 6.57 -3.75
C TRP A 161 -8.27 7.74 -2.99
N SER A 162 -9.13 8.54 -3.60
CA SER A 162 -9.67 9.70 -2.90
C SER A 162 -10.95 9.33 -2.16
N ALA A 163 -11.24 10.06 -1.08
CA ALA A 163 -12.52 9.89 -0.40
C ALA A 163 -13.67 10.18 -1.35
N ALA A 164 -13.51 11.19 -2.20
CA ALA A 164 -14.56 11.53 -3.16
C ALA A 164 -14.92 10.33 -4.02
N SER A 165 -13.90 9.61 -4.52
CA SER A 165 -14.17 8.47 -5.40
C SER A 165 -14.79 7.32 -4.64
N GLY A 166 -14.46 7.15 -3.36
CA GLY A 166 -15.13 6.12 -2.56
C GLY A 166 -16.59 6.44 -2.33
N TYR A 167 -16.91 7.71 -2.14
CA TYR A 167 -18.29 8.14 -1.97
C TYR A 167 -19.09 7.91 -3.25
N GLU A 168 -18.54 8.33 -4.38
CA GLU A 168 -19.23 8.17 -5.66
C GLU A 168 -19.45 6.69 -5.97
N ALA A 169 -18.44 5.85 -5.73
CA ALA A 169 -18.56 4.43 -6.00
C ALA A 169 -19.60 3.78 -5.10
N ALA A 170 -19.58 4.11 -3.80
CA ALA A 170 -20.57 3.57 -2.88
C ALA A 170 -21.99 4.00 -3.26
N ARG A 171 -22.15 5.24 -3.74
CA ARG A 171 -23.47 5.67 -4.18
C ARG A 171 -23.95 4.84 -5.36
N GLN A 172 -23.05 4.52 -6.28
CA GLN A 172 -23.43 3.66 -7.40
C GLN A 172 -23.77 2.25 -6.92
N LEU A 173 -22.97 1.70 -6.01
CA LEU A 173 -23.31 0.39 -5.46
C LEU A 173 -24.68 0.39 -4.80
N LEU A 174 -25.08 1.51 -4.20
CA LEU A 174 -26.35 1.57 -3.50
C LEU A 174 -27.54 1.67 -4.42
N GLU A 175 -27.33 1.81 -5.73
CA GLU A 175 -28.43 1.63 -6.66
C GLU A 175 -28.88 0.17 -6.72
N GLN A 176 -28.00 -0.76 -6.39
CA GLN A 176 -28.33 -2.19 -6.29
C GLN A 176 -27.75 -2.71 -4.98
N PRO A 177 -28.43 -2.44 -3.86
CA PRO A 177 -27.85 -2.79 -2.55
C PRO A 177 -27.80 -4.29 -2.30
N ASP A 178 -27.08 -5.01 -3.15
CA ASP A 178 -26.86 -6.45 -2.99
C ASP A 178 -25.52 -6.72 -2.31
N PHE A 179 -25.29 -6.08 -1.17
CA PHE A 179 -24.07 -6.32 -0.40
C PHE A 179 -24.37 -6.13 1.07
N THR A 180 -23.67 -6.89 1.91
CA THR A 180 -23.69 -6.69 3.35
C THR A 180 -22.37 -6.13 3.88
N ALA A 181 -21.34 -6.05 3.04
CA ALA A 181 -20.06 -5.52 3.47
C ALA A 181 -19.36 -4.89 2.29
N ILE A 182 -18.49 -3.92 2.57
CA ILE A 182 -17.68 -3.27 1.56
C ILE A 182 -16.23 -3.28 2.02
N PHE A 183 -15.36 -3.87 1.20
CA PHE A 183 -13.92 -3.72 1.38
C PHE A 183 -13.47 -2.57 0.47
N ALA A 184 -13.01 -1.48 1.07
CA ALA A 184 -12.49 -0.34 0.33
C ALA A 184 -10.98 -0.42 0.33
N ALA A 185 -10.38 -0.27 -0.86
CA ALA A 185 -8.97 -0.58 -1.04
C ALA A 185 -8.02 0.46 -0.43
N ASN A 186 -8.52 1.55 0.14
CA ASN A 186 -7.70 2.31 1.09
C ASN A 186 -8.63 3.03 2.05
N ASP A 187 -8.01 3.63 3.07
CA ASP A 187 -8.78 4.24 4.16
C ASP A 187 -9.50 5.49 3.70
N GLN A 188 -8.88 6.27 2.81
CA GLN A 188 -9.53 7.48 2.31
C GLN A 188 -10.81 7.14 1.54
N MET A 189 -10.74 6.17 0.63
CA MET A 189 -11.97 5.72 -0.03
C MET A 189 -12.99 5.19 0.96
N ALA A 190 -12.52 4.50 2.01
CA ALA A 190 -13.44 3.99 3.01
C ALA A 190 -14.19 5.12 3.70
N LEU A 191 -13.52 6.25 3.92
CA LEU A 191 -14.18 7.39 4.53
C LEU A 191 -15.36 7.86 3.68
N GLY A 192 -15.16 7.93 2.36
CA GLY A 192 -16.25 8.29 1.48
C GLY A 192 -17.36 7.26 1.45
N VAL A 193 -16.99 5.98 1.53
CA VAL A 193 -17.99 4.91 1.64
C VAL A 193 -18.87 5.12 2.87
N LEU A 194 -18.23 5.40 4.01
CA LEU A 194 -19.00 5.63 5.23
C LEU A 194 -19.99 6.77 5.07
N ARG A 195 -19.59 7.85 4.38
N ARG A 195 -19.58 7.85 4.39
CA ARG A 195 -20.53 8.97 4.19
CA ARG A 195 -20.49 8.97 4.16
C ARG A 195 -21.70 8.56 3.31
C ARG A 195 -21.69 8.56 3.32
N ALA A 196 -21.43 7.80 2.24
CA ALA A 196 -22.52 7.36 1.38
C ALA A 196 -23.50 6.48 2.14
N LEU A 197 -22.98 5.60 2.99
CA LEU A 197 -23.84 4.72 3.78
C LEU A 197 -24.68 5.52 4.77
N HIS A 198 -24.06 6.46 5.48
CA HIS A 198 -24.76 7.23 6.49
C HIS A 198 -25.82 8.12 5.86
N GLU A 199 -25.52 8.69 4.69
CA GLU A 199 -26.50 9.48 3.95
C GLU A 199 -27.73 8.65 3.60
N ARG A 200 -27.54 7.36 3.33
CA ARG A 200 -28.64 6.45 3.00
C ARG A 200 -29.44 6.02 4.22
N GLY A 201 -29.00 6.39 5.43
CA GLY A 201 -29.62 5.93 6.64
C GLY A 201 -29.16 4.57 7.10
N LEU A 202 -28.05 4.05 6.57
CA LEU A 202 -27.55 2.73 6.90
C LEU A 202 -26.53 2.82 8.02
N ARG A 203 -26.63 1.88 8.96
CA ARG A 203 -25.76 1.84 10.12
C ARG A 203 -24.53 1.00 9.82
N VAL A 204 -23.38 1.46 10.31
CA VAL A 204 -22.13 0.72 10.22
C VAL A 204 -21.70 0.38 11.64
N PRO A 205 -21.56 -0.91 11.99
CA PRO A 205 -21.65 -2.10 11.13
C PRO A 205 -23.00 -2.81 11.14
N ASP A 206 -24.03 -2.26 11.79
CA ASP A 206 -25.27 -3.01 11.99
C ASP A 206 -25.94 -3.38 10.67
N ASP A 207 -25.89 -2.48 9.68
CA ASP A 207 -26.46 -2.78 8.36
C ASP A 207 -25.40 -3.20 7.35
N VAL A 208 -24.25 -2.53 7.35
CA VAL A 208 -23.17 -2.80 6.41
C VAL A 208 -21.85 -2.71 7.15
N SER A 209 -21.00 -3.72 6.99
CA SER A 209 -19.64 -3.70 7.52
C SER A 209 -18.69 -3.09 6.51
N VAL A 210 -17.65 -2.42 7.00
CA VAL A 210 -16.68 -1.74 6.15
C VAL A 210 -15.26 -2.03 6.65
N VAL A 211 -14.36 -2.35 5.73
CA VAL A 211 -12.94 -2.53 6.03
C VAL A 211 -12.14 -1.68 5.05
N GLY A 212 -11.07 -1.03 5.54
CA GLY A 212 -10.21 -0.20 4.74
C GLY A 212 -8.85 -0.82 4.50
N PHE A 213 -7.87 0.03 4.19
CA PHE A 213 -6.51 -0.43 3.95
C PHE A 213 -5.56 0.76 4.06
N ASP A 214 -4.52 0.62 4.89
CA ASP A 214 -3.40 1.55 5.15
C ASP A 214 -3.16 1.72 6.65
N ASP A 215 -4.24 1.85 7.43
CA ASP A 215 -4.18 2.36 8.80
C ASP A 215 -3.48 3.72 8.85
N ILE A 216 -4.08 4.67 8.14
CA ILE A 216 -3.63 6.06 8.21
C ILE A 216 -3.98 6.56 9.62
N PRO A 217 -3.27 7.56 10.12
CA PRO A 217 -3.52 8.01 11.51
C PRO A 217 -4.97 8.38 11.78
N GLU A 218 -5.67 8.87 10.77
CA GLU A 218 -7.05 9.32 10.95
C GLU A 218 -8.03 8.17 11.11
N SER A 219 -7.67 6.95 10.67
CA SER A 219 -8.66 5.89 10.55
C SER A 219 -9.25 5.47 11.89
N ALA A 220 -8.47 5.57 12.97
CA ALA A 220 -9.03 5.28 14.28
C ALA A 220 -10.07 6.30 14.73
N TYR A 221 -10.22 7.40 13.99
CA TYR A 221 -11.10 8.49 14.39
C TYR A 221 -12.24 8.67 13.39
N PHE A 222 -12.40 7.75 12.45
CA PHE A 222 -13.59 7.75 11.60
C PHE A 222 -14.82 7.44 12.44
N HIS A 223 -16.00 7.66 11.86
CA HIS A 223 -17.24 7.24 12.51
C HIS A 223 -17.87 6.09 11.75
N PRO A 224 -17.80 4.85 12.25
CA PRO A 224 -17.12 4.41 13.48
C PRO A 224 -15.63 4.18 13.23
N PRO A 225 -14.83 3.98 14.28
CA PRO A 225 -13.41 3.69 14.07
C PRO A 225 -13.23 2.50 13.13
N LEU A 226 -12.34 2.68 12.16
CA LEU A 226 -12.31 1.81 10.98
C LEU A 226 -11.39 0.61 11.18
N THR A 227 -11.95 -0.58 10.96
CA THR A 227 -11.14 -1.79 10.81
C THR A 227 -10.41 -1.71 9.48
N THR A 228 -9.09 -1.93 9.50
CA THR A 228 -8.25 -1.66 8.34
C THR A 228 -7.01 -2.54 8.40
N VAL A 229 -6.22 -2.50 7.33
CA VAL A 229 -5.00 -3.28 7.19
C VAL A 229 -3.81 -2.32 7.29
N ARG A 230 -2.94 -2.54 8.27
CA ARG A 230 -1.82 -1.64 8.51
C ARG A 230 -0.67 -1.94 7.56
N GLN A 231 -0.27 -0.93 6.78
CA GLN A 231 1.02 -0.93 6.11
C GLN A 231 2.02 -0.23 7.02
N ASP A 232 3.01 -0.97 7.52
CA ASP A 232 4.02 -0.42 8.41
C ASP A 232 5.09 0.25 7.56
N PHE A 233 4.80 1.50 7.15
CA PHE A 233 5.69 2.20 6.23
C PHE A 233 7.01 2.56 6.90
N GLU A 234 6.96 2.91 8.19
CA GLU A 234 8.20 3.23 8.90
C GLU A 234 9.12 2.02 8.96
N GLU A 235 8.57 0.83 9.24
CA GLU A 235 9.37 -0.38 9.20
C GLU A 235 9.87 -0.67 7.79
N LEU A 236 9.10 -0.27 6.77
CA LEU A 236 9.54 -0.47 5.40
C LEU A 236 10.82 0.33 5.11
N GLY A 237 10.86 1.58 5.56
CA GLY A 237 12.06 2.39 5.36
C GLY A 237 13.21 1.95 6.25
N ARG A 238 12.92 1.46 7.45
CA ARG A 238 13.98 0.96 8.32
C ARG A 238 14.61 -0.29 7.72
N GLN A 239 13.80 -1.21 7.18
CA GLN A 239 14.35 -2.38 6.51
C GLN A 239 14.98 -2.03 5.18
N ALA A 240 14.64 -0.89 4.59
CA ALA A 240 15.33 -0.43 3.39
C ALA A 240 16.77 -0.03 3.72
N VAL A 241 16.96 0.63 4.86
CA VAL A 241 18.31 0.99 5.29
C VAL A 241 19.07 -0.26 5.71
N GLU A 242 18.42 -1.15 6.46
CA GLU A 242 19.08 -2.35 6.96
C GLU A 242 19.51 -3.27 5.81
N GLN A 243 18.68 -3.36 4.77
CA GLN A 243 19.05 -4.16 3.60
C GLN A 243 20.17 -3.51 2.80
N LEU A 244 20.18 -2.17 2.75
CA LEU A 244 21.21 -1.46 2.00
C LEU A 244 22.58 -1.55 2.66
N LEU A 245 22.62 -1.61 4.00
CA LEU A 245 23.88 -1.60 4.70
C LEU A 245 24.63 -2.93 4.61
N GLU A 246 23.93 -4.02 4.29
CA GLU A 246 24.63 -5.27 4.00
C GLU A 246 25.37 -5.19 2.68
N MET A 247 24.88 -4.38 1.74
CA MET A 247 25.52 -4.22 0.45
C MET A 247 26.49 -3.04 0.41
N ILE A 248 26.45 -2.15 1.39
CA ILE A 248 27.48 -1.12 1.50
C ILE A 248 28.77 -1.72 2.05
N GLU A 249 28.69 -2.45 3.16
CA GLU A 249 29.86 -3.08 3.76
C GLU A 249 30.23 -4.40 3.10
N GLY A 250 29.45 -4.87 2.13
CA GLY A 250 29.82 -6.05 1.37
C GLY A 250 29.19 -7.35 1.83
N GLU A 251 28.14 -7.78 1.14
CA GLU A 251 27.50 -9.06 1.38
C GLU A 251 26.78 -9.48 0.11
N GLU A 252 26.19 -10.67 0.14
CA GLU A 252 25.47 -11.19 -1.01
C GLU A 252 24.18 -10.40 -1.24
N PRO A 253 23.66 -10.40 -2.45
CA PRO A 253 22.32 -9.86 -2.69
C PRO A 253 21.29 -10.64 -1.91
N PRO A 254 20.62 -10.00 -0.95
CA PRO A 254 19.73 -10.74 -0.04
C PRO A 254 18.44 -11.11 -0.73
N PRO A 255 17.66 -12.03 -0.16
CA PRO A 255 16.34 -12.33 -0.70
C PRO A 255 15.47 -11.08 -0.66
N PRO A 256 14.56 -10.95 -1.63
CA PRO A 256 13.61 -9.82 -1.59
C PRO A 256 12.72 -9.90 -0.35
N ALA A 257 12.86 -8.92 0.54
CA ALA A 257 12.12 -8.94 1.79
C ALA A 257 10.67 -8.53 1.57
N VAL A 258 9.76 -9.23 2.25
CA VAL A 258 8.33 -9.00 2.14
C VAL A 258 7.78 -8.79 3.54
N LEU A 259 7.19 -7.63 3.78
CA LEU A 259 6.67 -7.29 5.09
C LEU A 259 5.22 -7.74 5.19
N PRO A 260 4.87 -8.62 6.12
CA PRO A 260 3.47 -9.05 6.26
C PRO A 260 2.65 -7.96 6.92
N PRO A 261 1.51 -7.59 6.33
CA PRO A 261 0.65 -6.60 6.96
C PRO A 261 -0.15 -7.21 8.11
N GLU A 262 -0.80 -6.33 8.85
CA GLU A 262 -1.49 -6.68 10.08
C GLU A 262 -2.89 -6.11 10.03
N LEU A 263 -3.89 -6.92 10.37
CA LEU A 263 -5.25 -6.44 10.43
C LEU A 263 -5.49 -5.74 11.77
N ILE A 264 -5.97 -4.50 11.71
CA ILE A 264 -6.29 -3.71 12.89
C ILE A 264 -7.81 -3.71 13.05
N VAL A 265 -8.31 -4.45 14.04
CA VAL A 265 -9.75 -4.61 14.22
C VAL A 265 -10.26 -3.50 15.14
N ARG A 266 -11.23 -2.71 14.64
CA ARG A 266 -11.78 -1.60 15.39
C ARG A 266 -13.29 -1.84 15.51
N GLU A 267 -14.13 -0.91 15.01
CA GLU A 267 -15.55 -0.94 15.31
C GLU A 267 -16.44 -0.92 14.07
N SER A 268 -15.91 -1.20 12.89
CA SER A 268 -16.69 -1.05 11.66
C SER A 268 -17.15 -2.36 11.05
N THR A 269 -16.96 -3.49 11.74
CA THR A 269 -17.41 -4.78 11.22
C THR A 269 -18.22 -5.53 12.28
N ALA A 270 -19.09 -6.39 11.80
CA ALA A 270 -19.97 -7.24 12.60
C ALA A 270 -20.54 -8.32 11.69
N PRO A 271 -21.16 -9.37 12.23
CA PRO A 271 -21.83 -10.33 11.37
C PRO A 271 -22.93 -9.66 10.57
N PRO A 272 -23.28 -10.21 9.41
CA PRO A 272 -24.37 -9.63 8.63
C PRO A 272 -25.70 -9.79 9.37
N GLU A 273 -26.60 -8.84 9.11
CA GLU A 273 -27.89 -8.85 9.78
C GLU A 273 -28.79 -9.94 9.18
N ASN A 274 -29.80 -10.33 9.95
CA ASN A 274 -30.74 -11.36 9.51
C ASN A 274 -31.89 -10.76 8.70
#